data_4TND
#
_entry.id   4TND
#
_cell.length_a   62.975
_cell.length_b   62.975
_cell.length_c   292.644
_cell.angle_alpha   90.00
_cell.angle_beta   90.00
_cell.angle_gamma   90.00
#
_symmetry.space_group_name_H-M   'P 43 21 2'
#
loop_
_entity.id
_entity.type
_entity.pdbx_description
1 polymer 'G protein-coupled receptor kinase 5'
2 non-polymer 'PHOSPHOAMINOPHOSPHONIC ACID-ADENYLATE ESTER'
3 non-polymer 'MAGNESIUM ION'
4 water water
#
_entity_poly.entity_id   1
_entity_poly.type   'polypeptide(L)'
_entity_poly.pdbx_seq_one_letter_code
;MELENIVANTVLLKAREGGGGKRKGKSKKWKEILKFPHISQCEDLRRTIDRDYCSLCDKQPIGRLLFRQFCETRPGLECY
IQFLDSVAEYEVTPDEKLGEKGKKIMTKYLTPKSPVFIAQVGQDLVSQTEEKLLQKPCKELFSACAQSVHEYLRGEPFHE
YLDSMFFDRFLQWKWLERQPVTKNTFRQYRVLGKGGFGEVCACQVRATGKMYACKRLEKKRIKKRKGESMALNEKQILEK
VNSQFVVNLAYAYETKDALCLVLTIMNGGDLKFHIYNMGNPGFEEERALFYAAEILCGLEDLHHENTVYRDLKPENILLD
DYGHIRISDLGLAVKIPEGDLIRGRVGTVGYMAPEVLNNQRYGLSPDYWGLGCLIYEMIEGQSPFRGRKEKVKREEVDRR
VLETEEVYSHKFSEEAKSICKMLLTKDAKQRLGCQEEEAAEVKRHPFFRNMNFKRLEAGMLDPPFVPDPRAVYCKDVLDI
EQFSTVKGVNLDHTDDDFYSKFSTGSVSIPWQNEMIETECFKELNVFGPNGTLPPDLNRNHPPEPPKKGLLQRLFKRQHQ
NNSKSSPSSKTSFNHHINSNHVSSNSTGSS
;
_entity_poly.pdbx_strand_id   A
#
# COMPACT_ATOMS: atom_id res chain seq x y z
N ALA A 15 -16.51 0.11 -5.71
CA ALA A 15 -17.28 1.16 -6.37
C ALA A 15 -16.41 2.38 -6.69
N ARG A 16 -15.16 2.34 -6.25
CA ARG A 16 -14.18 3.38 -6.56
C ARG A 16 -13.61 3.21 -7.96
N GLU A 17 -13.51 4.32 -8.70
CA GLU A 17 -12.63 4.30 -9.84
C GLU A 17 -12.11 5.66 -10.25
N GLY A 18 -10.89 5.66 -10.75
CA GLY A 18 -10.33 6.79 -11.45
C GLY A 18 -9.50 6.24 -12.59
N GLY A 19 -9.19 7.09 -13.55
CA GLY A 19 -8.60 6.62 -14.79
C GLY A 19 -7.09 6.67 -14.90
N GLY A 20 -6.58 5.78 -15.74
CA GLY A 20 -5.28 5.94 -16.34
C GLY A 20 -5.57 6.46 -17.74
N GLY A 21 -6.72 7.09 -17.89
CA GLY A 21 -7.33 7.23 -19.21
C GLY A 21 -7.93 5.92 -19.68
N LYS A 22 -8.97 5.43 -18.99
CA LYS A 22 -9.56 4.15 -19.37
C LYS A 22 -10.54 4.43 -20.48
N ARG A 23 -10.14 4.16 -21.72
CA ARG A 23 -10.99 4.51 -22.85
C ARG A 23 -12.00 3.41 -23.11
N LYS A 24 -11.59 2.15 -22.98
CA LYS A 24 -12.53 1.03 -23.02
C LYS A 24 -12.94 0.70 -21.59
N GLY A 25 -14.19 0.29 -21.40
CA GLY A 25 -14.66 -0.15 -20.09
C GLY A 25 -14.48 -1.65 -19.97
N LYS A 26 -15.24 -2.29 -19.10
CA LYS A 26 -15.19 -3.76 -18.98
C LYS A 26 -15.51 -4.45 -20.29
N SER A 27 -14.97 -5.65 -20.45
CA SER A 27 -15.32 -6.52 -21.56
C SER A 27 -16.83 -6.72 -21.60
N LYS A 28 -17.41 -6.70 -22.79
CA LYS A 28 -18.82 -7.04 -22.92
C LYS A 28 -19.09 -8.46 -22.40
N LYS A 29 -18.09 -9.32 -22.55
CA LYS A 29 -18.18 -10.71 -22.09
C LYS A 29 -17.60 -10.94 -20.67
N TRP A 30 -17.34 -9.85 -19.94
CA TRP A 30 -16.66 -9.97 -18.65
C TRP A 30 -17.33 -10.95 -17.68
N LYS A 31 -18.65 -11.06 -17.74
CA LYS A 31 -19.33 -11.97 -16.82
C LYS A 31 -19.06 -13.43 -17.19
N GLU A 32 -18.72 -13.68 -18.45
CA GLU A 32 -18.30 -15.02 -18.85
C GLU A 32 -16.85 -15.27 -18.43
N ILE A 33 -15.97 -14.31 -18.69
CA ILE A 33 -14.57 -14.43 -18.30
C ILE A 33 -14.44 -14.70 -16.79
N LEU A 34 -15.22 -13.99 -16.00
CA LEU A 34 -15.20 -14.09 -14.55
C LEU A 34 -16.27 -15.02 -13.98
N LYS A 35 -16.91 -15.82 -14.82
CA LYS A 35 -17.95 -16.74 -14.35
C LYS A 35 -17.43 -17.69 -13.24
N PHE A 36 -18.18 -17.79 -12.14
CA PHE A 36 -17.82 -18.67 -11.01
C PHE A 36 -17.70 -20.11 -11.46
N PRO A 37 -16.72 -20.84 -10.90
CA PRO A 37 -16.74 -22.29 -11.05
C PRO A 37 -17.91 -22.86 -10.26
N HIS A 38 -18.42 -24.02 -10.64
CA HIS A 38 -19.38 -24.68 -9.78
C HIS A 38 -18.64 -25.05 -8.49
N ILE A 39 -19.34 -25.10 -7.37
CA ILE A 39 -18.69 -25.28 -6.06
C ILE A 39 -17.94 -26.62 -6.00
N SER A 40 -18.38 -27.58 -6.81
CA SER A 40 -17.74 -28.89 -6.84
C SER A 40 -16.32 -28.83 -7.40
N GLN A 41 -16.00 -27.77 -8.13
CA GLN A 41 -14.66 -27.57 -8.68
C GLN A 41 -13.71 -26.88 -7.69
N CYS A 42 -14.22 -26.53 -6.51
CA CYS A 42 -13.43 -25.86 -5.47
C CYS A 42 -12.91 -26.80 -4.37
N GLU A 43 -13.11 -28.10 -4.56
CA GLU A 43 -12.71 -29.07 -3.54
C GLU A 43 -11.21 -29.03 -3.20
N ASP A 44 -10.34 -28.89 -4.20
CA ASP A 44 -8.90 -28.81 -3.94
C ASP A 44 -8.61 -27.56 -3.10
N LEU A 45 -9.25 -26.44 -3.45
CA LEU A 45 -9.07 -25.20 -2.69
C LEU A 45 -9.50 -25.38 -1.25
N ARG A 46 -10.68 -25.98 -1.07
CA ARG A 46 -11.25 -26.18 0.25
C ARG A 46 -10.26 -26.96 1.12
N ARG A 47 -9.62 -27.94 0.51
CA ARG A 47 -8.71 -28.83 1.22
C ARG A 47 -7.38 -28.15 1.56
N THR A 48 -6.88 -27.31 0.66
CA THR A 48 -5.54 -26.75 0.85
C THR A 48 -5.49 -25.37 1.51
N ILE A 49 -6.64 -24.70 1.63
CA ILE A 49 -6.63 -23.32 2.09
C ILE A 49 -6.34 -23.27 3.60
N ASP A 50 -5.52 -22.31 4.00
CA ASP A 50 -5.18 -22.11 5.41
C ASP A 50 -6.32 -21.38 6.09
N ARG A 51 -6.95 -22.00 7.08
CA ARG A 51 -8.14 -21.38 7.63
C ARG A 51 -7.68 -20.50 8.78
N ASP A 52 -7.40 -19.27 8.40
CA ASP A 52 -6.75 -18.32 9.27
C ASP A 52 -7.64 -17.10 9.28
N TYR A 53 -8.20 -16.81 10.45
CA TYR A 53 -9.21 -15.76 10.54
C TYR A 53 -8.70 -14.40 10.06
N CYS A 54 -7.52 -14.00 10.52
CA CYS A 54 -7.03 -12.67 10.16
C CYS A 54 -6.92 -12.51 8.65
N SER A 55 -6.42 -13.54 7.98
CA SER A 55 -6.27 -13.50 6.53
C SER A 55 -7.61 -13.54 5.81
N LEU A 56 -8.39 -14.55 6.15
CA LEU A 56 -9.64 -14.83 5.43
C LEU A 56 -10.76 -13.85 5.71
N CYS A 57 -10.83 -13.32 6.93
CA CYS A 57 -11.94 -12.43 7.30
C CYS A 57 -11.61 -10.96 7.47
N ASP A 58 -10.34 -10.60 7.36
CA ASP A 58 -9.94 -9.20 7.54
C ASP A 58 -9.01 -8.71 6.43
N LYS A 59 -7.83 -9.31 6.33
CA LYS A 59 -6.83 -8.82 5.40
C LYS A 59 -7.21 -8.96 3.93
N GLN A 60 -7.87 -10.06 3.58
CA GLN A 60 -8.33 -10.24 2.21
C GLN A 60 -9.68 -9.56 1.98
N PRO A 61 -9.70 -8.53 1.12
CA PRO A 61 -10.88 -7.64 1.01
C PRO A 61 -12.17 -8.36 0.69
N ILE A 62 -12.13 -9.37 -0.19
CA ILE A 62 -13.36 -10.08 -0.55
C ILE A 62 -13.72 -11.01 0.60
N GLY A 63 -12.71 -11.58 1.26
CA GLY A 63 -12.96 -12.42 2.42
C GLY A 63 -13.62 -11.60 3.54
N ARG A 64 -13.11 -10.38 3.74
CA ARG A 64 -13.72 -9.48 4.74
C ARG A 64 -15.17 -9.17 4.41
N LEU A 65 -15.45 -8.90 3.13
CA LEU A 65 -16.81 -8.60 2.70
C LEU A 65 -17.76 -9.77 2.89
N LEU A 66 -17.30 -10.96 2.57
CA LEU A 66 -18.18 -12.11 2.68
C LEU A 66 -18.39 -12.53 4.14
N PHE A 67 -17.37 -12.39 4.97
CA PHE A 67 -17.54 -12.64 6.39
C PHE A 67 -18.58 -11.66 6.98
N ARG A 68 -18.52 -10.41 6.56
CA ARG A 68 -19.50 -9.43 7.04
C ARG A 68 -20.91 -9.72 6.55
N GLN A 69 -21.04 -10.24 5.34
CA GLN A 69 -22.33 -10.63 4.82
C GLN A 69 -22.88 -11.78 5.64
N PHE A 70 -22.00 -12.69 6.07
CA PHE A 70 -22.42 -13.79 6.94
C PHE A 70 -22.88 -13.26 8.30
N CYS A 71 -22.10 -12.38 8.89
CA CYS A 71 -22.44 -11.79 10.18
C CYS A 71 -23.77 -11.05 10.17
N GLU A 72 -24.08 -10.35 9.08
CA GLU A 72 -25.33 -9.59 9.00
C GLU A 72 -26.55 -10.51 8.84
N THR A 73 -26.34 -11.80 8.67
CA THR A 73 -27.45 -12.75 8.71
C THR A 73 -27.75 -13.16 10.14
N ARG A 74 -26.80 -12.92 11.04
CA ARG A 74 -27.01 -13.19 12.46
C ARG A 74 -27.04 -11.88 13.26
N PRO A 75 -28.22 -11.43 13.71
CA PRO A 75 -28.30 -10.27 14.60
C PRO A 75 -27.35 -10.33 15.81
N GLY A 76 -27.05 -11.54 16.30
CA GLY A 76 -26.12 -11.74 17.39
C GLY A 76 -24.65 -11.47 17.05
N LEU A 77 -24.26 -11.69 15.80
CA LEU A 77 -22.93 -11.26 15.37
C LEU A 77 -22.91 -9.86 14.78
N GLU A 78 -24.05 -9.37 14.33
CA GLU A 78 -24.07 -8.12 13.59
C GLU A 78 -23.67 -6.96 14.50
N CYS A 79 -23.96 -7.09 15.79
CA CYS A 79 -23.62 -6.05 16.76
C CYS A 79 -22.11 -5.85 16.85
N TYR A 80 -21.33 -6.92 16.69
CA TYR A 80 -19.88 -6.83 16.71
C TYR A 80 -19.34 -6.08 15.50
N ILE A 81 -19.97 -6.32 14.35
CA ILE A 81 -19.55 -5.63 13.14
C ILE A 81 -19.88 -4.13 13.24
N GLN A 82 -21.06 -3.82 13.75
CA GLN A 82 -21.47 -2.43 13.99
C GLN A 82 -20.49 -1.71 14.92
N PHE A 83 -20.08 -2.37 15.99
CA PHE A 83 -19.08 -1.79 16.88
C PHE A 83 -17.80 -1.47 16.14
N LEU A 84 -17.28 -2.43 15.38
CA LEU A 84 -16.02 -2.22 14.68
C LEU A 84 -16.15 -1.04 13.73
N ASP A 85 -17.31 -0.90 13.09
CA ASP A 85 -17.55 0.18 12.16
C ASP A 85 -17.62 1.53 12.91
N SER A 86 -18.23 1.52 14.10
CA SER A 86 -18.27 2.71 14.94
C SER A 86 -16.89 3.16 15.37
N VAL A 87 -16.04 2.20 15.74
CA VAL A 87 -14.67 2.50 16.09
C VAL A 87 -13.92 3.14 14.92
N ALA A 88 -14.18 2.65 13.71
CA ALA A 88 -13.61 3.28 12.51
C ALA A 88 -14.03 4.73 12.39
N GLU A 89 -15.30 5.02 12.71
CA GLU A 89 -15.83 6.37 12.68
C GLU A 89 -15.18 7.24 13.75
N TYR A 90 -14.98 6.64 14.92
CA TYR A 90 -14.34 7.33 16.03
C TYR A 90 -12.92 7.78 15.66
N GLU A 91 -12.15 6.92 15.00
CA GLU A 91 -10.76 7.23 14.65
C GLU A 91 -10.64 8.48 13.78
N VAL A 92 -11.60 8.71 12.89
CA VAL A 92 -11.56 9.88 12.02
C VAL A 92 -12.39 11.08 12.52
N THR A 93 -12.92 10.98 13.73
CA THR A 93 -13.65 12.09 14.37
C THR A 93 -12.66 13.20 14.75
N PRO A 94 -13.04 14.47 14.52
CA PRO A 94 -12.16 15.59 14.92
C PRO A 94 -11.77 15.51 16.39
N ASP A 95 -10.53 15.87 16.69
CA ASP A 95 -9.97 15.68 18.02
C ASP A 95 -10.87 16.26 19.13
N GLU A 96 -11.54 17.35 18.82
CA GLU A 96 -12.37 18.03 19.81
C GLU A 96 -13.66 17.29 20.12
N LYS A 97 -14.10 16.46 19.18
CA LYS A 97 -15.37 15.75 19.33
C LYS A 97 -15.21 14.28 19.78
N LEU A 98 -13.98 13.87 20.07
CA LEU A 98 -13.73 12.46 20.42
C LEU A 98 -14.46 12.06 21.70
N GLY A 99 -14.48 12.96 22.68
CA GLY A 99 -15.19 12.72 23.93
C GLY A 99 -16.65 12.33 23.73
N GLU A 100 -17.35 13.04 22.85
CA GLU A 100 -18.75 12.74 22.56
C GLU A 100 -18.92 11.44 21.80
N LYS A 101 -18.07 11.21 20.80
CA LYS A 101 -18.19 10.01 19.98
C LYS A 101 -17.86 8.80 20.83
N GLY A 102 -16.83 8.93 21.69
CA GLY A 102 -16.45 7.84 22.57
C GLY A 102 -17.53 7.50 23.58
N LYS A 103 -18.12 8.53 24.17
CA LYS A 103 -19.22 8.35 25.12
C LYS A 103 -20.40 7.64 24.45
N LYS A 104 -20.69 8.04 23.20
CA LYS A 104 -21.76 7.40 22.45
C LYS A 104 -21.51 5.92 22.20
N ILE A 105 -20.26 5.57 21.89
CA ILE A 105 -19.88 4.17 21.67
C ILE A 105 -19.99 3.37 22.96
N MET A 106 -19.52 3.96 24.05
CA MET A 106 -19.60 3.33 25.37
C MET A 106 -21.04 2.96 25.71
N THR A 107 -21.94 3.94 25.55
CA THR A 107 -23.35 3.79 25.88
C THR A 107 -24.03 2.76 24.98
N LYS A 108 -23.71 2.81 23.70
CA LYS A 108 -24.35 1.95 22.72
C LYS A 108 -23.87 0.49 22.84
N TYR A 109 -22.57 0.28 22.75
CA TYR A 109 -22.01 -1.08 22.74
C TYR A 109 -21.55 -1.71 24.05
N LEU A 110 -20.97 -0.89 24.93
CA LEU A 110 -20.23 -1.40 26.10
C LEU A 110 -21.02 -1.28 27.41
N THR A 111 -22.29 -0.90 27.33
CA THR A 111 -23.16 -0.88 28.49
C THR A 111 -24.24 -1.96 28.35
N PRO A 112 -24.27 -2.92 29.30
CA PRO A 112 -25.19 -4.07 29.26
C PRO A 112 -26.66 -3.68 29.11
N LYS A 113 -27.02 -2.46 29.49
CA LYS A 113 -28.39 -1.99 29.33
C LYS A 113 -28.80 -1.89 27.85
N SER A 114 -27.85 -1.54 26.98
CA SER A 114 -28.14 -1.32 25.56
C SER A 114 -28.47 -2.60 24.81
N PRO A 115 -29.34 -2.52 23.78
CA PRO A 115 -29.75 -3.68 22.97
C PRO A 115 -28.63 -4.20 22.05
N VAL A 116 -27.74 -3.31 21.67
CA VAL A 116 -26.60 -3.64 20.82
C VAL A 116 -25.34 -3.93 21.67
N PHE A 117 -25.53 -4.10 22.97
CA PHE A 117 -24.47 -4.50 23.89
C PHE A 117 -23.66 -5.71 23.40
N ILE A 118 -22.33 -5.60 23.43
CA ILE A 118 -21.47 -6.71 23.03
C ILE A 118 -20.74 -7.31 24.24
N ALA A 119 -21.20 -8.48 24.66
CA ALA A 119 -20.79 -9.04 25.95
C ALA A 119 -19.37 -9.59 25.95
N GLN A 120 -18.85 -9.93 24.78
CA GLN A 120 -17.55 -10.59 24.70
C GLN A 120 -16.36 -9.65 24.89
N VAL A 121 -16.62 -8.34 24.98
CA VAL A 121 -15.58 -7.44 25.46
C VAL A 121 -15.60 -7.50 26.99
N GLY A 122 -14.49 -7.91 27.59
CA GLY A 122 -14.45 -8.11 29.02
C GLY A 122 -14.67 -6.82 29.78
N GLN A 123 -15.36 -6.88 30.91
CA GLN A 123 -15.70 -5.66 31.62
C GLN A 123 -14.46 -4.97 32.19
N ASP A 124 -13.36 -5.70 32.31
CA ASP A 124 -12.09 -5.09 32.70
C ASP A 124 -11.53 -4.21 31.59
N LEU A 125 -11.71 -4.64 30.34
CA LEU A 125 -11.33 -3.81 29.20
C LEU A 125 -12.22 -2.59 29.11
N VAL A 126 -13.49 -2.76 29.42
CA VAL A 126 -14.44 -1.66 29.36
C VAL A 126 -14.09 -0.61 30.42
N SER A 127 -13.77 -1.07 31.63
CA SER A 127 -13.37 -0.16 32.70
C SER A 127 -12.11 0.62 32.36
N GLN A 128 -11.13 -0.05 31.77
CA GLN A 128 -9.93 0.61 31.28
C GLN A 128 -10.28 1.72 30.32
N THR A 129 -11.16 1.38 29.38
CA THR A 129 -11.55 2.28 28.31
C THR A 129 -12.36 3.45 28.84
N GLU A 130 -13.24 3.17 29.79
CA GLU A 130 -14.03 4.20 30.44
C GLU A 130 -13.14 5.22 31.17
N GLU A 131 -12.03 4.75 31.75
CA GLU A 131 -11.10 5.64 32.44
C GLU A 131 -10.29 6.50 31.47
N LYS A 132 -9.83 5.90 30.38
CA LYS A 132 -9.08 6.66 29.36
C LYS A 132 -9.99 7.72 28.75
N LEU A 133 -11.26 7.38 28.62
CA LEU A 133 -12.26 8.29 28.05
C LEU A 133 -12.51 9.50 28.94
N LEU A 134 -12.37 9.31 30.25
CA LEU A 134 -12.49 10.39 31.23
C LEU A 134 -11.37 11.42 31.06
N GLN A 135 -10.18 10.92 30.78
CA GLN A 135 -8.98 11.73 30.56
C GLN A 135 -8.98 12.26 29.13
N LYS A 136 -7.83 12.75 28.68
CA LYS A 136 -7.68 13.14 27.28
C LYS A 136 -7.87 11.92 26.39
N PRO A 137 -8.94 11.92 25.56
CA PRO A 137 -9.17 10.79 24.67
C PRO A 137 -8.22 10.85 23.49
N CYS A 138 -7.76 9.70 23.02
CA CYS A 138 -6.88 9.64 21.88
C CYS A 138 -7.55 8.79 20.82
N LYS A 139 -7.05 8.87 19.59
CA LYS A 139 -7.68 8.19 18.47
C LYS A 139 -7.71 6.67 18.63
N GLU A 140 -6.79 6.14 19.43
CA GLU A 140 -6.60 4.70 19.58
C GLU A 140 -7.37 4.12 20.77
N LEU A 141 -8.23 4.94 21.37
CA LEU A 141 -8.96 4.59 22.59
C LEU A 141 -9.59 3.18 22.58
N PHE A 142 -10.16 2.80 21.45
CA PHE A 142 -10.93 1.56 21.37
C PHE A 142 -10.17 0.39 20.77
N SER A 143 -8.88 0.58 20.51
CA SER A 143 -8.09 -0.46 19.85
C SER A 143 -8.06 -1.77 20.64
N ALA A 144 -7.95 -1.68 21.96
CA ALA A 144 -7.91 -2.90 22.77
C ALA A 144 -9.26 -3.62 22.71
N CYS A 145 -10.35 -2.86 22.78
CA CYS A 145 -11.69 -3.42 22.65
C CYS A 145 -11.87 -4.09 21.29
N ALA A 146 -11.36 -3.44 20.25
CA ALA A 146 -11.50 -3.99 18.90
C ALA A 146 -10.79 -5.33 18.79
N GLN A 147 -9.60 -5.42 19.39
CA GLN A 147 -8.84 -6.66 19.36
C GLN A 147 -9.59 -7.75 20.11
N SER A 148 -10.22 -7.39 21.22
CA SER A 148 -11.02 -8.33 21.98
C SER A 148 -12.18 -8.87 21.14
N VAL A 149 -12.80 -8.00 20.35
CA VAL A 149 -13.86 -8.41 19.44
C VAL A 149 -13.36 -9.44 18.43
N HIS A 150 -12.20 -9.18 17.83
CA HIS A 150 -11.66 -10.13 16.85
C HIS A 150 -11.29 -11.45 17.50
N GLU A 151 -10.87 -11.41 18.76
CA GLU A 151 -10.54 -12.65 19.46
C GLU A 151 -11.80 -13.47 19.68
N TYR A 152 -12.94 -12.80 19.83
CA TYR A 152 -14.19 -13.52 19.89
C TYR A 152 -14.59 -14.09 18.51
N LEU A 153 -14.54 -13.23 17.49
CA LEU A 153 -14.98 -13.59 16.14
C LEU A 153 -14.15 -14.71 15.53
N ARG A 154 -12.86 -14.80 15.87
CA ARG A 154 -12.00 -15.84 15.29
C ARG A 154 -12.31 -17.25 15.82
N GLY A 155 -13.22 -17.30 16.78
CA GLY A 155 -13.66 -18.51 17.44
C GLY A 155 -14.86 -19.10 16.73
N GLU A 156 -15.87 -19.46 17.49
CA GLU A 156 -17.10 -20.01 16.91
C GLU A 156 -17.72 -19.23 15.73
N PRO A 157 -17.73 -17.88 15.75
CA PRO A 157 -18.30 -17.22 14.56
C PRO A 157 -17.55 -17.54 13.26
N PHE A 158 -16.23 -17.52 13.33
CA PHE A 158 -15.39 -17.90 12.20
C PHE A 158 -15.69 -19.33 11.74
N HIS A 159 -15.81 -20.24 12.69
CA HIS A 159 -16.01 -21.64 12.32
C HIS A 159 -17.38 -21.86 11.71
N GLU A 160 -18.38 -21.12 12.19
CA GLU A 160 -19.68 -21.11 11.54
C GLU A 160 -19.58 -20.55 10.12
N TYR A 161 -18.86 -19.46 9.97
CA TYR A 161 -18.65 -18.86 8.64
C TYR A 161 -18.07 -19.87 7.66
N LEU A 162 -17.07 -20.62 8.11
CA LEU A 162 -16.39 -21.58 7.22
C LEU A 162 -17.35 -22.65 6.71
N ASP A 163 -18.42 -22.89 7.45
CA ASP A 163 -19.41 -23.87 7.05
C ASP A 163 -20.57 -23.27 6.25
N SER A 164 -20.52 -21.98 5.95
CA SER A 164 -21.64 -21.30 5.30
C SER A 164 -21.48 -21.13 3.80
N MET A 165 -22.53 -20.67 3.14
CA MET A 165 -22.52 -20.48 1.70
C MET A 165 -21.63 -19.29 1.38
N PHE A 166 -21.38 -18.45 2.37
CA PHE A 166 -20.53 -17.28 2.16
C PHE A 166 -19.07 -17.69 2.03
N PHE A 167 -18.63 -18.70 2.77
CA PHE A 167 -17.27 -19.17 2.57
C PHE A 167 -17.16 -19.99 1.28
N ASP A 168 -18.21 -20.73 0.94
CA ASP A 168 -18.27 -21.42 -0.36
C ASP A 168 -18.06 -20.42 -1.49
N ARG A 169 -18.72 -19.27 -1.36
CA ARG A 169 -18.60 -18.22 -2.37
C ARG A 169 -17.19 -17.65 -2.33
N PHE A 170 -16.58 -17.57 -1.15
CA PHE A 170 -15.19 -17.11 -1.10
C PHE A 170 -14.27 -18.01 -1.88
N LEU A 171 -14.50 -19.32 -1.82
CA LEU A 171 -13.66 -20.27 -2.53
C LEU A 171 -13.78 -20.07 -4.04
N GLN A 172 -14.99 -19.71 -4.47
CA GLN A 172 -15.25 -19.44 -5.88
C GLN A 172 -14.47 -18.21 -6.32
N TRP A 173 -14.48 -17.16 -5.49
CA TRP A 173 -13.67 -15.99 -5.78
C TRP A 173 -12.17 -16.33 -5.78
N LYS A 174 -11.76 -17.19 -4.84
CA LYS A 174 -10.35 -17.59 -4.78
C LYS A 174 -9.94 -18.38 -6.03
N TRP A 175 -10.83 -19.24 -6.50
CA TRP A 175 -10.62 -19.96 -7.75
C TRP A 175 -10.35 -18.99 -8.93
N LEU A 176 -11.18 -17.97 -9.04
CA LEU A 176 -11.00 -16.95 -10.05
C LEU A 176 -9.66 -16.23 -9.87
N GLU A 177 -9.36 -15.88 -8.63
CA GLU A 177 -8.14 -15.14 -8.32
C GLU A 177 -6.90 -15.89 -8.81
N ARG A 178 -6.91 -17.20 -8.65
CA ARG A 178 -5.70 -17.96 -8.93
C ARG A 178 -5.63 -18.37 -10.39
N GLN A 179 -6.57 -17.91 -11.22
CA GLN A 179 -6.48 -18.31 -12.64
C GLN A 179 -5.22 -17.71 -13.25
N PRO A 180 -4.63 -18.40 -14.23
CA PRO A 180 -3.37 -17.84 -14.74
C PRO A 180 -3.51 -16.53 -15.50
N VAL A 181 -2.47 -15.72 -15.41
CA VAL A 181 -2.29 -14.61 -16.33
C VAL A 181 -1.95 -15.18 -17.72
N THR A 182 -2.62 -14.69 -18.75
CA THR A 182 -2.37 -15.16 -20.11
C THR A 182 -2.21 -13.99 -21.05
N LYS A 183 -1.94 -14.30 -22.32
CA LYS A 183 -1.81 -13.28 -23.34
C LYS A 183 -3.09 -12.48 -23.51
N ASN A 184 -4.20 -13.01 -23.02
CA ASN A 184 -5.48 -12.32 -23.16
C ASN A 184 -5.90 -11.49 -21.93
N THR A 185 -5.09 -11.49 -20.88
CA THR A 185 -5.50 -10.86 -19.64
C THR A 185 -5.55 -9.33 -19.77
N PHE A 186 -4.60 -8.77 -20.50
CA PHE A 186 -4.45 -7.31 -20.54
C PHE A 186 -4.60 -6.73 -21.93
N ARG A 187 -4.85 -5.42 -21.99
CA ARG A 187 -4.61 -4.69 -23.24
C ARG A 187 -3.63 -3.57 -22.96
N GLN A 188 -2.93 -3.15 -24.01
CA GLN A 188 -1.82 -2.22 -23.85
C GLN A 188 -2.15 -0.84 -24.38
N TYR A 189 -1.79 0.16 -23.59
CA TYR A 189 -1.94 1.58 -23.95
C TYR A 189 -0.55 2.19 -24.06
N ARG A 190 -0.47 3.51 -24.12
CA ARG A 190 0.79 4.19 -24.40
C ARG A 190 1.89 4.02 -23.34
N VAL A 191 3.13 4.23 -23.78
CA VAL A 191 4.27 4.30 -22.87
C VAL A 191 4.11 5.46 -21.88
N LEU A 192 4.28 5.18 -20.60
CA LEU A 192 4.27 6.20 -19.55
C LEU A 192 5.65 6.76 -19.25
N GLY A 193 6.65 5.91 -19.31
CA GLY A 193 8.00 6.37 -19.05
C GLY A 193 9.03 5.32 -19.41
N LYS A 194 10.28 5.73 -19.39
CA LYS A 194 11.35 4.84 -19.79
C LYS A 194 12.55 5.03 -18.88
N GLY A 195 13.15 3.93 -18.41
CA GLY A 195 14.37 4.02 -17.63
C GLY A 195 14.65 2.72 -16.89
N GLY A 196 15.71 2.69 -16.10
CA GLY A 196 15.97 1.52 -15.26
C GLY A 196 16.26 0.31 -16.13
N PHE A 197 15.48 -0.76 -15.95
CA PHE A 197 15.67 -1.97 -16.74
C PHE A 197 14.82 -2.05 -18.01
N GLY A 198 14.13 -0.97 -18.36
CA GLY A 198 13.06 -1.14 -19.32
C GLY A 198 12.22 0.10 -19.53
N GLU A 199 10.93 -0.14 -19.73
CA GLU A 199 9.99 0.97 -19.85
C GLU A 199 8.75 0.67 -19.04
N VAL A 200 7.92 1.69 -18.84
CA VAL A 200 6.65 1.51 -18.17
C VAL A 200 5.57 1.93 -19.15
N CYS A 201 4.54 1.10 -19.34
CA CYS A 201 3.42 1.50 -20.20
C CYS A 201 2.11 1.35 -19.46
N ALA A 202 1.08 2.06 -19.92
CA ALA A 202 -0.24 1.86 -19.36
C ALA A 202 -0.81 0.55 -19.88
N CYS A 203 -1.55 -0.13 -19.03
CA CYS A 203 -2.22 -1.34 -19.44
C CYS A 203 -3.52 -1.47 -18.70
N GLN A 204 -4.39 -2.35 -19.17
CA GLN A 204 -5.74 -2.45 -18.63
C GLN A 204 -6.16 -3.91 -18.60
N VAL A 205 -6.78 -4.32 -17.50
CA VAL A 205 -7.32 -5.69 -17.41
C VAL A 205 -8.60 -5.70 -18.23
N ARG A 206 -8.65 -6.58 -19.21
CA ARG A 206 -9.79 -6.58 -20.14
C ARG A 206 -11.13 -6.80 -19.43
N ALA A 207 -11.18 -7.79 -18.55
CA ALA A 207 -12.45 -8.14 -17.92
C ALA A 207 -13.00 -7.00 -17.06
N THR A 208 -12.15 -6.38 -16.24
CA THR A 208 -12.60 -5.39 -15.27
C THR A 208 -12.51 -3.93 -15.69
N GLY A 209 -11.75 -3.67 -16.74
CA GLY A 209 -11.48 -2.31 -17.15
C GLY A 209 -10.47 -1.56 -16.31
N LYS A 210 -9.92 -2.17 -15.26
CA LYS A 210 -9.03 -1.40 -14.39
C LYS A 210 -7.68 -1.12 -15.06
N MET A 211 -7.24 0.13 -14.95
CA MET A 211 -5.98 0.59 -15.53
C MET A 211 -4.84 0.42 -14.56
N TYR A 212 -3.69 0.03 -15.09
CA TYR A 212 -2.48 -0.17 -14.30
C TYR A 212 -1.29 0.36 -15.06
N ALA A 213 -0.14 0.43 -14.38
CA ALA A 213 1.13 0.66 -15.04
C ALA A 213 1.85 -0.68 -15.15
N CYS A 214 2.36 -0.99 -16.32
CA CYS A 214 3.11 -2.22 -16.51
C CYS A 214 4.59 -1.87 -16.59
N LYS A 215 5.33 -2.24 -15.57
CA LYS A 215 6.77 -2.01 -15.56
C LYS A 215 7.42 -3.23 -16.20
N ARG A 216 8.04 -3.02 -17.35
CA ARG A 216 8.56 -4.10 -18.16
C ARG A 216 10.06 -4.15 -17.98
N LEU A 217 10.56 -5.21 -17.33
CA LEU A 217 11.98 -5.36 -17.09
C LEU A 217 12.60 -6.26 -18.14
N GLU A 218 13.54 -5.74 -18.92
CA GLU A 218 14.14 -6.56 -19.97
C GLU A 218 15.07 -7.60 -19.35
N LYS A 219 14.85 -8.87 -19.70
CA LYS A 219 15.68 -9.93 -19.17
C LYS A 219 17.17 -9.75 -19.45
N LYS A 220 17.51 -9.26 -20.64
CA LYS A 220 18.91 -9.12 -20.98
C LYS A 220 19.57 -8.03 -20.12
N ARG A 221 18.80 -7.02 -19.75
CA ARG A 221 19.37 -5.93 -18.96
C ARG A 221 19.52 -6.37 -17.50
N ILE A 222 18.53 -7.08 -16.98
CA ILE A 222 18.65 -7.68 -15.64
C ILE A 222 19.89 -8.57 -15.56
N LYS A 223 20.12 -9.37 -16.61
CA LYS A 223 21.22 -10.33 -16.60
C LYS A 223 22.57 -9.61 -16.61
N LYS A 224 22.70 -8.65 -17.53
CA LYS A 224 23.95 -7.89 -17.67
C LYS A 224 24.36 -7.21 -16.36
N ARG A 225 23.39 -6.60 -15.68
CA ARG A 225 23.64 -5.81 -14.48
C ARG A 225 23.49 -6.63 -13.21
N LYS A 226 23.30 -7.95 -13.37
CA LYS A 226 23.14 -8.89 -12.27
C LYS A 226 22.07 -8.41 -11.29
N GLY A 227 20.93 -7.98 -11.82
CA GLY A 227 19.87 -7.39 -11.02
C GLY A 227 18.77 -8.35 -10.59
N GLU A 228 19.04 -9.65 -10.64
CA GLU A 228 18.02 -10.66 -10.33
C GLU A 228 17.52 -10.55 -8.89
N SER A 229 18.45 -10.54 -7.95
CA SER A 229 18.08 -10.50 -6.55
C SER A 229 17.37 -9.19 -6.21
N MET A 230 17.73 -8.09 -6.87
CA MET A 230 17.04 -6.82 -6.60
C MET A 230 15.65 -6.78 -7.22
N ALA A 231 15.52 -7.34 -8.42
CA ALA A 231 14.22 -7.38 -9.08
C ALA A 231 13.27 -8.25 -8.29
N LEU A 232 13.79 -9.37 -7.79
CA LEU A 232 13.02 -10.30 -6.99
C LEU A 232 12.64 -9.68 -5.66
N ASN A 233 13.59 -8.97 -5.05
CA ASN A 233 13.34 -8.26 -3.80
C ASN A 233 12.24 -7.22 -3.94
N GLU A 234 12.28 -6.42 -5.01
CA GLU A 234 11.24 -5.43 -5.19
C GLU A 234 9.88 -6.12 -5.29
N LYS A 235 9.81 -7.20 -6.09
CA LYS A 235 8.56 -7.94 -6.25
C LYS A 235 8.03 -8.44 -4.89
N GLN A 236 8.90 -9.07 -4.12
CA GLN A 236 8.49 -9.67 -2.86
C GLN A 236 8.08 -8.65 -1.78
N ILE A 237 8.72 -7.49 -1.75
CA ILE A 237 8.28 -6.48 -0.78
C ILE A 237 6.99 -5.82 -1.23
N LEU A 238 6.90 -5.50 -2.53
CA LEU A 238 5.67 -4.93 -3.07
C LEU A 238 4.45 -5.79 -2.79
N GLU A 239 4.63 -7.09 -2.91
CA GLU A 239 3.56 -8.03 -2.67
C GLU A 239 3.09 -8.00 -1.21
N LYS A 240 4.02 -7.85 -0.27
CA LYS A 240 3.65 -7.91 1.16
C LYS A 240 3.19 -6.59 1.78
N VAL A 241 3.43 -5.48 1.12
CA VAL A 241 3.01 -4.18 1.66
C VAL A 241 1.71 -3.83 1.01
N ASN A 242 0.69 -3.54 1.82
CA ASN A 242 -0.52 -3.01 1.27
C ASN A 242 -0.80 -1.70 1.95
N SER A 243 -0.47 -0.63 1.24
CA SER A 243 -0.55 0.72 1.77
C SER A 243 -1.15 1.61 0.71
N GLN A 244 -1.93 2.60 1.13
CA GLN A 244 -2.49 3.57 0.20
C GLN A 244 -1.38 4.50 -0.34
N PHE A 245 -0.25 4.51 0.36
CA PHE A 245 0.87 5.43 0.06
C PHE A 245 2.12 4.79 -0.51
N VAL A 246 1.99 3.51 -0.87
CA VAL A 246 3.07 2.79 -1.55
C VAL A 246 2.47 2.17 -2.79
N VAL A 247 3.19 2.23 -3.90
CA VAL A 247 2.69 1.59 -5.12
C VAL A 247 2.39 0.12 -4.83
N ASN A 248 1.21 -0.35 -5.26
CA ASN A 248 0.77 -1.74 -5.07
C ASN A 248 1.10 -2.60 -6.28
N LEU A 249 1.40 -3.87 -6.05
CA LEU A 249 1.63 -4.84 -7.13
C LEU A 249 0.43 -5.76 -7.30
N ALA A 250 -0.27 -5.69 -8.44
CA ALA A 250 -1.42 -6.58 -8.73
C ALA A 250 -1.12 -7.88 -9.47
N TYR A 251 -0.14 -7.85 -10.36
CA TYR A 251 0.24 -9.05 -11.12
C TYR A 251 1.73 -9.05 -11.39
N ALA A 252 2.32 -10.24 -11.39
CA ALA A 252 3.71 -10.41 -11.80
C ALA A 252 3.77 -11.56 -12.79
N TYR A 253 4.28 -11.34 -13.99
CA TYR A 253 4.32 -12.42 -14.97
C TYR A 253 5.47 -12.31 -15.93
N GLU A 254 5.61 -13.34 -16.76
CA GLU A 254 6.70 -13.46 -17.69
C GLU A 254 6.28 -13.21 -19.15
N THR A 255 7.17 -12.61 -19.96
CA THR A 255 7.04 -12.61 -21.41
C THR A 255 8.30 -13.23 -22.00
N LYS A 256 8.38 -13.34 -23.32
CA LYS A 256 9.56 -13.94 -23.94
C LYS A 256 10.85 -13.23 -23.55
N ASP A 257 10.84 -11.90 -23.65
CA ASP A 257 12.02 -11.08 -23.41
C ASP A 257 12.06 -10.31 -22.10
N ALA A 258 11.00 -10.38 -21.30
CA ALA A 258 10.87 -9.46 -20.18
C ALA A 258 10.15 -10.06 -19.01
N LEU A 259 10.27 -9.40 -17.86
CA LEU A 259 9.43 -9.70 -16.72
C LEU A 259 8.55 -8.46 -16.47
N CYS A 260 7.29 -8.68 -16.12
CA CYS A 260 6.35 -7.57 -15.96
C CYS A 260 5.83 -7.47 -14.53
N LEU A 261 5.90 -6.25 -13.98
CA LEU A 261 5.27 -5.90 -12.74
C LEU A 261 4.09 -5.01 -13.06
N VAL A 262 2.88 -5.45 -12.73
CA VAL A 262 1.70 -4.64 -13.00
C VAL A 262 1.37 -3.90 -11.71
N LEU A 263 1.54 -2.58 -11.75
CA LEU A 263 1.58 -1.73 -10.58
C LEU A 263 0.47 -0.70 -10.62
N THR A 264 0.17 -0.12 -9.46
CA THR A 264 -0.70 1.07 -9.40
C THR A 264 -0.26 2.11 -10.42
N ILE A 265 -1.20 2.60 -11.22
CA ILE A 265 -0.80 3.59 -12.20
C ILE A 265 -0.71 4.95 -11.51
N MET A 266 0.49 5.53 -11.53
CA MET A 266 0.68 6.86 -10.96
C MET A 266 1.21 7.76 -12.03
N ASN A 267 0.31 8.40 -12.76
CA ASN A 267 0.71 9.16 -13.94
C ASN A 267 0.68 10.67 -13.75
N GLY A 268 0.61 11.14 -12.50
CA GLY A 268 0.63 12.57 -12.22
C GLY A 268 1.98 13.28 -12.29
N GLY A 269 3.05 12.52 -12.52
CA GLY A 269 4.38 13.12 -12.57
C GLY A 269 5.11 12.87 -11.26
N ASP A 270 6.44 12.83 -11.30
CA ASP A 270 7.15 12.47 -10.08
C ASP A 270 7.44 13.74 -9.33
N LEU A 271 7.96 13.62 -8.12
CA LEU A 271 8.13 14.81 -7.30
C LEU A 271 9.33 15.64 -7.77
N LYS A 272 10.29 15.00 -8.42
CA LYS A 272 11.39 15.75 -9.00
C LYS A 272 10.84 16.69 -10.07
N PHE A 273 9.99 16.16 -10.95
CA PHE A 273 9.37 17.01 -11.99
C PHE A 273 8.63 18.18 -11.37
N HIS A 274 7.85 17.92 -10.33
CA HIS A 274 7.00 18.95 -9.75
C HIS A 274 7.79 19.99 -8.97
N ILE A 275 8.84 19.58 -8.28
CA ILE A 275 9.69 20.54 -7.57
C ILE A 275 10.37 21.50 -8.57
N TYR A 276 10.85 20.96 -9.68
CA TYR A 276 11.57 21.76 -10.67
C TYR A 276 10.77 22.22 -11.90
N ASN A 277 9.47 21.91 -11.93
CA ASN A 277 8.60 22.35 -13.01
C ASN A 277 8.32 23.84 -12.88
N MET A 278 8.30 24.27 -11.63
CA MET A 278 8.01 25.66 -11.31
C MET A 278 8.80 26.66 -12.14
N GLY A 279 10.08 26.37 -12.30
CA GLY A 279 11.00 27.29 -12.89
C GLY A 279 11.48 28.19 -11.78
N ASN A 280 10.65 28.26 -10.75
CA ASN A 280 11.02 28.82 -9.47
C ASN A 280 10.95 27.63 -8.51
N PRO A 281 12.01 26.82 -8.49
CA PRO A 281 12.03 25.52 -7.81
C PRO A 281 11.54 25.65 -6.38
N GLY A 282 10.90 24.58 -5.91
CA GLY A 282 10.30 24.56 -4.60
C GLY A 282 8.90 25.09 -4.72
N PHE A 283 7.98 24.56 -3.92
CA PHE A 283 6.62 25.06 -3.95
C PHE A 283 6.09 25.41 -2.56
N GLU A 284 4.81 25.76 -2.50
CA GLU A 284 4.21 26.32 -1.29
C GLU A 284 4.24 25.32 -0.16
N GLU A 285 4.40 25.82 1.05
CA GLU A 285 4.55 24.96 2.21
C GLU A 285 3.32 24.06 2.39
N GLU A 286 2.13 24.60 2.10
CA GLU A 286 0.91 23.80 2.18
C GLU A 286 1.00 22.52 1.32
N ARG A 287 1.62 22.62 0.14
CA ARG A 287 1.84 21.45 -0.70
C ARG A 287 2.85 20.50 -0.09
N ALA A 288 4.00 21.05 0.31
CA ALA A 288 5.09 20.25 0.86
C ALA A 288 4.61 19.50 2.10
N LEU A 289 3.79 20.18 2.89
CA LEU A 289 3.19 19.63 4.11
C LEU A 289 2.37 18.39 3.81
N PHE A 290 1.48 18.52 2.83
CA PHE A 290 0.60 17.44 2.43
C PHE A 290 1.39 16.25 1.89
N TYR A 291 2.36 16.52 1.02
CA TYR A 291 3.17 15.42 0.48
C TYR A 291 3.97 14.75 1.59
N ALA A 292 4.57 15.55 2.48
CA ALA A 292 5.37 14.98 3.56
C ALA A 292 4.52 14.10 4.46
N ALA A 293 3.28 14.52 4.69
CA ALA A 293 2.37 13.76 5.54
C ALA A 293 2.04 12.41 4.92
N GLU A 294 1.78 12.40 3.61
CA GLU A 294 1.49 11.13 2.93
C GLU A 294 2.73 10.24 2.84
N ILE A 295 3.89 10.84 2.59
CA ILE A 295 5.13 10.06 2.55
C ILE A 295 5.37 9.40 3.91
N LEU A 296 5.15 10.16 4.98
CA LEU A 296 5.29 9.63 6.34
C LEU A 296 4.36 8.44 6.58
N CYS A 297 3.13 8.54 6.10
CA CYS A 297 2.22 7.41 6.26
C CYS A 297 2.71 6.18 5.51
N GLY A 298 3.28 6.41 4.33
CA GLY A 298 3.84 5.31 3.54
C GLY A 298 5.00 4.66 4.26
N LEU A 299 5.84 5.49 4.88
CA LEU A 299 6.98 4.99 5.64
C LEU A 299 6.52 4.18 6.84
N GLU A 300 5.53 4.69 7.56
CA GLU A 300 5.00 3.97 8.70
C GLU A 300 4.49 2.58 8.30
N ASP A 301 3.83 2.50 7.13
CA ASP A 301 3.30 1.25 6.63
C ASP A 301 4.41 0.25 6.30
N LEU A 302 5.48 0.74 5.68
CA LEU A 302 6.66 -0.09 5.45
C LEU A 302 7.31 -0.51 6.76
N HIS A 303 7.44 0.43 7.69
CA HIS A 303 8.11 0.16 8.95
C HIS A 303 7.30 -0.81 9.79
N HIS A 304 5.99 -0.83 9.58
CA HIS A 304 5.16 -1.82 10.28
C HIS A 304 5.55 -3.25 9.87
N GLU A 305 6.07 -3.38 8.66
CA GLU A 305 6.61 -4.67 8.16
C GLU A 305 8.10 -4.81 8.49
N ASN A 306 8.60 -3.93 9.36
CA ASN A 306 10.02 -3.80 9.68
C ASN A 306 10.85 -3.71 8.41
N THR A 307 10.32 -2.98 7.43
CA THR A 307 11.02 -2.84 6.17
C THR A 307 11.50 -1.39 6.03
N VAL A 308 12.81 -1.23 5.82
CA VAL A 308 13.42 0.05 5.63
C VAL A 308 13.52 0.31 4.16
N TYR A 309 13.04 1.48 3.74
CA TYR A 309 13.05 1.85 2.32
C TYR A 309 14.47 2.09 1.76
N ARG A 310 15.20 2.99 2.39
CA ARG A 310 16.56 3.35 2.03
C ARG A 310 16.81 4.19 0.81
N ASP A 311 15.79 4.47 0.02
CA ASP A 311 15.98 5.21 -1.20
C ASP A 311 15.12 6.45 -1.39
N LEU A 312 14.70 7.07 -0.32
CA LEU A 312 13.87 8.29 -0.50
C LEU A 312 14.57 9.42 -1.27
N LYS A 313 13.88 9.94 -2.28
CA LYS A 313 14.36 11.02 -3.14
C LYS A 313 13.19 11.37 -4.03
N PRO A 314 13.16 12.61 -4.54
CA PRO A 314 11.95 13.05 -5.25
C PRO A 314 11.57 12.17 -6.44
N GLU A 315 12.54 11.64 -7.19
CA GLU A 315 12.20 10.80 -8.34
C GLU A 315 11.41 9.55 -7.94
N ASN A 316 11.55 9.12 -6.69
CA ASN A 316 10.90 7.87 -6.27
C ASN A 316 9.53 8.12 -5.65
N ILE A 317 9.06 9.37 -5.68
CA ILE A 317 7.72 9.68 -5.20
C ILE A 317 6.87 10.08 -6.40
N LEU A 318 5.77 9.37 -6.62
CA LEU A 318 4.91 9.63 -7.76
C LEU A 318 3.54 10.17 -7.34
N LEU A 319 2.96 11.01 -8.18
CA LEU A 319 1.59 11.54 -7.98
C LEU A 319 0.61 10.74 -8.84
N ASP A 320 -0.64 10.61 -8.39
CA ASP A 320 -1.72 10.12 -9.25
C ASP A 320 -2.52 11.30 -9.80
N ASP A 321 -3.55 11.01 -10.58
CA ASP A 321 -4.31 12.07 -11.24
C ASP A 321 -5.07 12.95 -10.24
N TYR A 322 -5.20 12.46 -9.02
CA TYR A 322 -5.94 13.20 -7.99
C TYR A 322 -5.03 14.09 -7.15
N GLY A 323 -3.72 13.91 -7.31
CA GLY A 323 -2.74 14.71 -6.59
C GLY A 323 -2.27 14.08 -5.29
N HIS A 324 -2.67 12.82 -5.05
CA HIS A 324 -2.15 12.00 -3.96
C HIS A 324 -0.82 11.41 -4.37
N ILE A 325 0.01 11.01 -3.41
CA ILE A 325 1.31 10.42 -3.75
C ILE A 325 1.45 8.99 -3.27
N ARG A 326 2.41 8.29 -3.88
CA ARG A 326 2.86 6.99 -3.37
C ARG A 326 4.37 6.89 -3.50
N ILE A 327 4.97 6.20 -2.55
CA ILE A 327 6.35 5.79 -2.65
C ILE A 327 6.47 4.72 -3.73
N SER A 328 7.45 4.88 -4.62
CA SER A 328 7.65 3.98 -5.73
C SER A 328 9.05 3.36 -5.61
N ASP A 329 9.39 2.41 -6.47
CA ASP A 329 10.77 1.89 -6.57
C ASP A 329 11.33 1.26 -5.30
N LEU A 330 10.85 0.07 -4.99
CA LEU A 330 11.14 -0.61 -3.74
C LEU A 330 12.39 -1.51 -3.80
N GLY A 331 13.12 -1.43 -4.91
CA GLY A 331 14.28 -2.30 -5.12
C GLY A 331 15.33 -2.29 -4.01
N LEU A 332 15.54 -1.15 -3.37
CA LEU A 332 16.55 -1.07 -2.31
C LEU A 332 15.99 -1.30 -0.91
N ALA A 333 14.69 -1.52 -0.84
CA ALA A 333 14.05 -1.78 0.45
C ALA A 333 14.51 -3.12 1.02
N VAL A 334 14.60 -3.20 2.35
CA VAL A 334 14.98 -4.44 3.01
C VAL A 334 14.08 -4.74 4.20
N LYS A 335 13.57 -5.96 4.25
CA LYS A 335 12.84 -6.40 5.42
C LYS A 335 13.86 -6.81 6.48
N ILE A 336 13.87 -6.11 7.60
CA ILE A 336 14.82 -6.37 8.66
C ILE A 336 14.27 -7.43 9.60
N PRO A 337 15.06 -8.50 9.87
CA PRO A 337 14.63 -9.50 10.84
C PRO A 337 14.37 -8.84 12.19
N GLU A 338 13.29 -9.24 12.88
CA GLU A 338 12.91 -8.60 14.13
C GLU A 338 14.04 -8.61 15.15
N GLY A 339 14.30 -7.45 15.75
CA GLY A 339 15.34 -7.31 16.74
C GLY A 339 16.73 -7.05 16.17
N ASP A 340 16.88 -7.16 14.86
CA ASP A 340 18.20 -7.01 14.26
C ASP A 340 18.46 -5.64 13.66
N LEU A 341 19.71 -5.46 13.23
CA LEU A 341 20.11 -4.28 12.47
C LEU A 341 20.77 -4.81 11.22
N ILE A 342 20.87 -3.98 10.19
CA ILE A 342 21.43 -4.42 8.92
C ILE A 342 22.56 -3.49 8.51
N ARG A 343 23.27 -3.89 7.48
CA ARG A 343 24.40 -3.15 6.98
C ARG A 343 24.33 -3.10 5.47
N GLY A 344 24.51 -1.91 4.92
CA GLY A 344 24.99 -1.79 3.56
C GLY A 344 25.00 -0.35 3.13
N ARG A 345 25.92 -0.01 2.25
CA ARG A 345 26.03 1.38 1.87
C ARG A 345 25.37 1.47 0.51
N VAL A 346 24.09 1.85 0.54
CA VAL A 346 23.30 1.84 -0.66
C VAL A 346 22.47 3.11 -0.68
N GLY A 347 22.16 3.59 -1.87
CA GLY A 347 21.29 4.74 -1.99
C GLY A 347 21.77 5.61 -3.13
N THR A 348 21.25 6.82 -3.15
CA THR A 348 21.63 7.82 -4.13
C THR A 348 22.49 8.88 -3.44
N VAL A 349 23.50 9.37 -4.15
CA VAL A 349 24.39 10.40 -3.62
C VAL A 349 23.58 11.66 -3.26
N GLY A 350 23.81 12.19 -2.08
CA GLY A 350 23.10 13.36 -1.60
C GLY A 350 21.88 13.01 -0.78
N TYR A 351 21.36 11.81 -0.98
CA TYR A 351 20.24 11.29 -0.21
C TYR A 351 20.56 10.21 0.84
N MET A 352 21.83 9.87 1.02
CA MET A 352 22.18 8.82 1.98
C MET A 352 22.48 9.37 3.38
N ALA A 353 21.84 8.80 4.39
CA ALA A 353 22.05 9.18 5.79
C ALA A 353 23.49 8.96 6.24
N PRO A 354 23.97 9.78 7.19
CA PRO A 354 25.33 9.59 7.72
C PRO A 354 25.63 8.18 8.19
N GLU A 355 24.68 7.53 8.86
CA GLU A 355 24.94 6.18 9.39
C GLU A 355 25.08 5.18 8.26
N VAL A 356 24.46 5.46 7.12
CA VAL A 356 24.63 4.64 5.91
C VAL A 356 26.00 4.90 5.28
N LEU A 357 26.32 6.18 5.06
CA LEU A 357 27.64 6.59 4.56
C LEU A 357 28.80 6.05 5.38
N ASN A 358 28.62 5.99 6.70
CA ASN A 358 29.67 5.53 7.60
C ASN A 358 29.69 4.01 7.69
N ASN A 359 28.80 3.37 6.94
CA ASN A 359 28.75 1.92 6.89
C ASN A 359 28.58 1.34 8.29
N GLN A 360 27.69 1.95 9.08
CA GLN A 360 27.39 1.40 10.39
C GLN A 360 26.21 0.45 10.26
N ARG A 361 25.90 -0.25 11.36
CA ARG A 361 24.69 -1.06 11.41
C ARG A 361 23.53 -0.11 11.68
N TYR A 362 22.43 -0.25 10.94
CA TYR A 362 21.31 0.65 11.11
C TYR A 362 19.94 -0.06 11.04
N GLY A 363 18.95 0.67 11.55
CA GLY A 363 17.55 0.29 11.59
C GLY A 363 16.72 0.96 10.53
N LEU A 364 15.56 1.43 10.97
CA LEU A 364 14.66 2.22 10.15
C LEU A 364 15.13 3.67 9.98
N SER A 365 16.11 4.09 10.78
CA SER A 365 16.49 5.51 10.86
C SER A 365 16.80 6.23 9.52
N PRO A 366 17.43 5.56 8.55
CA PRO A 366 17.71 6.29 7.30
C PRO A 366 16.49 6.89 6.60
N ASP A 367 15.31 6.28 6.79
CA ASP A 367 14.12 6.79 6.16
C ASP A 367 13.68 8.12 6.76
N TYR A 368 14.01 8.39 8.01
CA TYR A 368 13.67 9.70 8.59
C TYR A 368 14.62 10.77 8.10
N TRP A 369 15.88 10.39 7.91
CA TRP A 369 16.83 11.28 7.24
C TRP A 369 16.32 11.62 5.84
N GLY A 370 15.90 10.58 5.10
CA GLY A 370 15.33 10.77 3.78
C GLY A 370 14.12 11.69 3.77
N LEU A 371 13.26 11.56 4.78
CA LEU A 371 12.09 12.42 4.87
C LEU A 371 12.52 13.87 5.02
N GLY A 372 13.56 14.12 5.83
CA GLY A 372 14.09 15.47 5.95
C GLY A 372 14.64 16.03 4.64
N CYS A 373 15.38 15.21 3.90
CA CYS A 373 15.87 15.61 2.57
C CYS A 373 14.70 16.03 1.67
N LEU A 374 13.62 15.24 1.69
CA LEU A 374 12.47 15.53 0.83
C LEU A 374 11.74 16.80 1.22
N ILE A 375 11.46 16.98 2.50
CA ILE A 375 10.79 18.22 2.92
C ILE A 375 11.66 19.44 2.56
N TYR A 376 12.96 19.35 2.82
CA TYR A 376 13.88 20.42 2.51
C TYR A 376 13.83 20.75 1.02
N GLU A 377 13.96 19.73 0.19
CA GLU A 377 14.01 19.96 -1.26
C GLU A 377 12.69 20.48 -1.83
N MET A 378 11.57 20.01 -1.27
CA MET A 378 10.25 20.48 -1.73
C MET A 378 10.07 21.97 -1.47
N ILE A 379 10.56 22.44 -0.34
CA ILE A 379 10.45 23.85 0.01
C ILE A 379 11.55 24.74 -0.60
N GLU A 380 12.79 24.30 -0.55
CA GLU A 380 13.91 25.11 -1.06
C GLU A 380 13.99 25.01 -2.59
N GLY A 381 13.67 23.85 -3.13
CA GLY A 381 13.79 23.61 -4.55
C GLY A 381 15.17 23.07 -4.91
N GLN A 382 15.95 22.78 -3.88
CA GLN A 382 17.31 22.24 -4.06
C GLN A 382 17.56 21.27 -2.93
N SER A 383 18.40 20.27 -3.19
CA SER A 383 18.85 19.36 -2.13
C SER A 383 19.63 20.14 -1.07
N PRO A 384 19.65 19.64 0.18
CA PRO A 384 20.35 20.40 1.24
C PRO A 384 21.84 20.48 1.02
N PHE A 385 22.43 19.40 0.55
CA PHE A 385 23.88 19.32 0.40
C PHE A 385 24.45 19.42 -1.02
N ARG A 386 23.60 19.62 -2.03
CA ARG A 386 24.13 19.86 -3.38
C ARG A 386 23.20 20.69 -4.26
N GLY A 387 23.79 21.49 -5.14
CA GLY A 387 23.04 22.25 -6.12
C GLY A 387 22.66 21.37 -7.31
N ARG A 388 21.59 21.71 -8.01
CA ARG A 388 21.13 20.89 -9.13
C ARG A 388 22.04 21.10 -10.35
N LYS A 389 22.50 22.33 -10.56
CA LYS A 389 23.60 22.51 -11.48
C LYS A 389 24.83 22.68 -10.62
N GLU A 390 25.60 21.60 -10.50
CA GLU A 390 26.88 21.64 -9.83
C GLU A 390 27.75 20.52 -10.36
N LYS A 391 29.04 20.81 -10.54
CA LYS A 391 29.99 19.77 -10.85
C LYS A 391 30.69 19.46 -9.54
N VAL A 392 30.34 18.31 -8.97
CA VAL A 392 30.91 17.95 -7.68
C VAL A 392 31.09 16.44 -7.60
N LYS A 393 32.25 16.02 -7.10
CA LYS A 393 32.56 14.62 -6.88
C LYS A 393 31.63 14.04 -5.82
N ARG A 394 31.27 12.76 -5.94
CA ARG A 394 30.37 12.16 -4.98
C ARG A 394 30.98 12.17 -3.56
N GLU A 395 32.31 12.06 -3.48
CA GLU A 395 33.02 12.00 -2.19
C GLU A 395 32.96 13.35 -1.49
N GLU A 396 32.79 14.42 -2.27
CA GLU A 396 32.61 15.74 -1.70
C GLU A 396 31.18 15.91 -1.18
N VAL A 397 30.21 15.43 -1.95
CA VAL A 397 28.82 15.47 -1.50
C VAL A 397 28.72 14.69 -0.19
N ASP A 398 29.33 13.50 -0.15
CA ASP A 398 29.41 12.69 1.06
C ASP A 398 30.04 13.48 2.22
N ARG A 399 31.11 14.21 1.95
CA ARG A 399 31.78 15.02 2.98
C ARG A 399 30.85 16.08 3.56
N ARG A 400 30.10 16.77 2.70
CA ARG A 400 29.16 17.77 3.16
C ARG A 400 28.13 17.19 4.10
N VAL A 401 27.58 16.03 3.73
CA VAL A 401 26.55 15.37 4.49
C VAL A 401 27.06 14.99 5.87
N LEU A 402 28.31 14.55 5.93
CA LEU A 402 28.93 14.19 7.20
C LEU A 402 29.39 15.39 8.02
N GLU A 403 30.06 16.35 7.37
CA GLU A 403 30.73 17.44 8.08
C GLU A 403 30.09 18.85 8.09
N THR A 404 29.04 19.10 7.32
CA THR A 404 28.53 20.48 7.23
C THR A 404 27.05 20.53 7.55
N GLU A 405 26.60 21.69 8.01
CA GLU A 405 25.19 21.82 8.30
C GLU A 405 24.47 22.55 7.16
N GLU A 406 23.26 22.10 6.84
CA GLU A 406 22.49 22.72 5.79
C GLU A 406 21.99 24.08 6.28
N VAL A 407 21.72 25.01 5.36
CA VAL A 407 21.22 26.31 5.74
C VAL A 407 19.82 26.49 5.19
N TYR A 408 19.08 27.45 5.74
CA TYR A 408 17.67 27.64 5.41
C TYR A 408 17.35 29.08 4.97
N SER A 409 16.82 29.19 3.77
CA SER A 409 16.41 30.47 3.21
C SER A 409 15.07 30.91 3.78
N HIS A 410 14.65 32.09 3.33
CA HIS A 410 13.38 32.71 3.69
C HIS A 410 12.17 31.88 3.27
N LYS A 411 12.40 30.88 2.41
CA LYS A 411 11.33 30.02 1.95
C LYS A 411 10.77 29.14 3.06
N PHE A 412 11.53 28.96 4.13
CA PHE A 412 11.12 28.11 5.24
C PHE A 412 10.44 28.88 6.38
N SER A 413 9.26 28.42 6.75
CA SER A 413 8.64 28.85 8.01
C SER A 413 9.48 28.33 9.17
N GLU A 414 9.28 28.88 10.38
CA GLU A 414 9.97 28.39 11.58
C GLU A 414 9.74 26.89 11.79
N GLU A 415 8.50 26.45 11.57
CA GLU A 415 8.16 25.04 11.81
C GLU A 415 8.78 24.12 10.76
N ALA A 416 8.86 24.58 9.52
CA ALA A 416 9.46 23.79 8.46
C ALA A 416 10.96 23.66 8.66
N LYS A 417 11.59 24.77 8.99
CA LYS A 417 13.00 24.76 9.35
C LYS A 417 13.23 23.80 10.51
N SER A 418 12.37 23.88 11.52
CA SER A 418 12.51 23.02 12.70
C SER A 418 12.41 21.52 12.36
N ILE A 419 11.36 21.13 11.64
CA ILE A 419 11.20 19.70 11.38
C ILE A 419 12.34 19.19 10.47
N CYS A 420 12.80 20.03 9.54
CA CYS A 420 13.90 19.65 8.66
C CYS A 420 15.19 19.45 9.47
N LYS A 421 15.48 20.39 10.36
CA LYS A 421 16.66 20.25 11.20
C LYS A 421 16.59 19.00 12.07
N MET A 422 15.39 18.67 12.57
CA MET A 422 15.24 17.52 13.47
C MET A 422 15.34 16.19 12.72
N LEU A 423 14.85 16.15 11.49
CA LEU A 423 14.96 14.95 10.66
C LEU A 423 16.39 14.81 10.08
N LEU A 424 17.05 15.94 9.85
CA LEU A 424 18.41 15.99 9.29
C LEU A 424 19.45 15.94 10.41
N THR A 425 19.01 15.56 11.61
CA THR A 425 19.95 15.27 12.69
C THR A 425 20.92 14.18 12.25
N LYS A 426 22.22 14.47 12.33
CA LYS A 426 23.19 13.54 11.76
C LYS A 426 23.33 12.28 12.60
N ASP A 427 23.20 12.42 13.92
CA ASP A 427 23.22 11.26 14.80
C ASP A 427 21.84 10.59 14.81
N ALA A 428 21.78 9.34 14.36
CA ALA A 428 20.50 8.62 14.23
C ALA A 428 19.82 8.45 15.58
N LYS A 429 20.60 8.28 16.63
CA LYS A 429 20.07 8.11 17.98
C LYS A 429 19.19 9.28 18.45
N GLN A 430 19.51 10.50 18.02
CA GLN A 430 18.70 11.67 18.36
C GLN A 430 17.75 12.19 17.27
N ARG A 431 17.69 11.48 16.15
CA ARG A 431 16.91 11.95 15.03
C ARG A 431 15.41 11.85 15.31
N LEU A 432 14.63 12.83 14.81
CA LEU A 432 13.18 12.79 14.93
C LEU A 432 12.63 11.51 14.30
N GLY A 433 11.71 10.85 15.00
CA GLY A 433 11.08 9.64 14.49
C GLY A 433 11.82 8.35 14.84
N CYS A 434 13.06 8.50 15.29
CA CYS A 434 13.90 7.36 15.61
C CYS A 434 13.90 6.99 17.09
N GLN A 435 12.98 7.57 17.87
CA GLN A 435 12.84 7.27 19.30
C GLN A 435 11.80 6.19 19.59
N GLU A 436 11.46 6.05 20.87
CA GLU A 436 10.45 5.11 21.34
C GLU A 436 9.14 5.21 20.57
N GLU A 437 8.72 6.43 20.38
CA GLU A 437 7.50 6.79 19.74
C GLU A 437 7.45 6.46 18.26
N GLU A 438 8.60 6.39 17.62
CA GLU A 438 8.63 6.15 16.21
C GLU A 438 7.83 7.27 15.49
N ALA A 439 7.09 6.95 14.44
CA ALA A 439 6.38 7.97 13.68
C ALA A 439 5.48 8.91 14.45
N ALA A 440 4.99 8.47 15.58
CA ALA A 440 4.11 9.33 16.36
C ALA A 440 4.77 10.66 16.70
N GLU A 441 6.07 10.62 16.93
CA GLU A 441 6.82 11.82 17.29
C GLU A 441 6.84 12.81 16.14
N VAL A 442 6.97 12.29 14.92
CA VAL A 442 6.97 13.13 13.73
C VAL A 442 5.57 13.70 13.48
N LYS A 443 4.55 12.88 13.72
CA LYS A 443 3.18 13.33 13.44
C LYS A 443 2.76 14.49 14.33
N ARG A 444 3.28 14.53 15.55
CA ARG A 444 2.87 15.58 16.48
C ARG A 444 3.76 16.83 16.42
N HIS A 445 4.69 16.87 15.47
CA HIS A 445 5.51 18.07 15.28
C HIS A 445 4.68 19.25 14.78
N PRO A 446 4.96 20.46 15.29
CA PRO A 446 4.27 21.70 14.91
C PRO A 446 4.13 21.89 13.40
N PHE A 447 5.09 21.40 12.62
CA PHE A 447 5.00 21.49 11.17
C PHE A 447 3.71 20.84 10.68
N PHE A 448 3.30 19.77 11.36
CA PHE A 448 2.06 19.01 11.10
C PHE A 448 0.85 19.31 12.01
N ARG A 449 0.95 20.33 12.86
CA ARG A 449 -0.07 20.63 13.89
C ARG A 449 -1.51 20.67 13.37
N ASN A 450 -1.69 21.08 12.12
CA ASN A 450 -3.02 21.19 11.55
C ASN A 450 -3.47 19.93 10.78
N MET A 451 -2.65 18.88 10.84
CA MET A 451 -2.94 17.67 10.05
C MET A 451 -3.53 16.56 10.91
N ASN A 452 -4.71 16.07 10.52
CA ASN A 452 -5.30 14.91 11.17
C ASN A 452 -4.86 13.71 10.36
N PHE A 453 -3.93 12.94 10.91
CA PHE A 453 -3.36 11.86 10.11
C PHE A 453 -4.33 10.71 9.88
N LYS A 454 -5.25 10.47 10.82
CA LYS A 454 -6.27 9.42 10.61
C LYS A 454 -7.16 9.74 9.40
N ARG A 455 -7.55 11.00 9.27
CA ARG A 455 -8.33 11.43 8.13
C ARG A 455 -7.53 11.35 6.86
N LEU A 456 -6.26 11.75 6.94
CA LEU A 456 -5.36 11.62 5.79
C LEU A 456 -5.25 10.18 5.35
N GLU A 457 -5.02 9.28 6.31
CA GLU A 457 -4.95 7.85 5.97
C GLU A 457 -6.24 7.36 5.31
N ALA A 458 -7.37 7.90 5.76
CA ALA A 458 -8.66 7.45 5.26
C ALA A 458 -9.09 8.15 3.97
N GLY A 459 -8.21 9.00 3.42
CA GLY A 459 -8.49 9.68 2.18
C GLY A 459 -9.52 10.80 2.28
N MET A 460 -9.67 11.38 3.46
CA MET A 460 -10.72 12.38 3.69
C MET A 460 -10.26 13.81 3.47
N LEU A 461 -8.98 13.98 3.14
CA LEU A 461 -8.39 15.29 2.93
C LEU A 461 -8.02 15.52 1.46
N ASP A 462 -8.52 16.60 0.86
CA ASP A 462 -8.21 16.87 -0.54
C ASP A 462 -6.80 17.43 -0.74
N PRO A 463 -6.07 16.90 -1.72
CA PRO A 463 -4.77 17.49 -2.05
C PRO A 463 -4.94 18.96 -2.44
N PRO A 464 -3.99 19.80 -2.05
CA PRO A 464 -3.98 21.22 -2.41
C PRO A 464 -3.65 21.46 -3.88
N PHE A 465 -3.15 20.45 -4.58
CA PHE A 465 -2.68 20.64 -5.95
C PHE A 465 -3.11 19.45 -6.80
N VAL A 466 -3.67 19.71 -7.99
CA VAL A 466 -4.04 18.64 -8.91
C VAL A 466 -3.16 18.73 -10.15
N PRO A 467 -2.39 17.67 -10.45
CA PRO A 467 -1.43 17.72 -11.57
C PRO A 467 -2.08 17.56 -12.93
N ASP A 468 -1.42 18.07 -13.97
CA ASP A 468 -1.73 17.68 -15.34
C ASP A 468 -1.24 16.27 -15.53
N PRO A 469 -2.08 15.38 -16.09
CA PRO A 469 -1.60 14.02 -16.35
C PRO A 469 -0.35 14.01 -17.23
N ARG A 470 0.62 13.20 -16.86
CA ARG A 470 1.89 13.18 -17.58
C ARG A 470 1.66 12.63 -19.00
N ALA A 471 2.32 13.25 -19.97
CA ALA A 471 2.28 12.74 -21.33
C ALA A 471 3.68 12.71 -21.92
N VAL A 472 4.16 11.51 -22.22
CA VAL A 472 5.46 11.38 -22.85
C VAL A 472 5.26 10.98 -24.30
N TYR A 473 6.19 11.38 -25.16
CA TYR A 473 6.19 10.88 -26.52
C TYR A 473 7.15 9.70 -26.63
N CYS A 474 6.62 8.53 -26.89
CA CYS A 474 7.42 7.40 -27.26
C CYS A 474 6.60 6.54 -28.23
N LYS A 475 7.13 6.25 -29.41
CA LYS A 475 6.34 5.47 -30.35
C LYS A 475 6.68 3.97 -30.20
N ASP A 476 7.76 3.67 -29.45
CA ASP A 476 8.05 2.29 -29.11
C ASP A 476 6.87 1.72 -28.35
N VAL A 477 6.30 0.62 -28.82
CA VAL A 477 5.39 -0.12 -27.98
C VAL A 477 5.96 -1.54 -27.86
N LEU A 478 6.46 -1.87 -26.67
CA LEU A 478 7.06 -3.16 -26.45
C LEU A 478 6.02 -4.22 -26.10
N ASP A 479 6.32 -5.47 -26.40
CA ASP A 479 5.41 -6.59 -26.15
C ASP A 479 5.25 -6.87 -24.66
N ILE A 480 4.03 -6.75 -24.14
CA ILE A 480 3.76 -7.19 -22.78
C ILE A 480 2.89 -8.44 -22.68
N GLU A 481 2.66 -9.14 -23.79
CA GLU A 481 1.86 -10.36 -23.74
C GLU A 481 2.55 -11.48 -22.98
N GLN A 482 1.86 -12.02 -21.99
CA GLN A 482 2.37 -13.10 -21.17
C GLN A 482 2.81 -14.27 -22.03
N PHE A 483 3.98 -14.83 -21.72
CA PHE A 483 4.42 -16.04 -22.38
C PHE A 483 5.30 -16.81 -21.40
N SER A 484 4.98 -18.07 -21.16
CA SER A 484 5.80 -18.87 -20.25
C SER A 484 6.85 -19.59 -21.07
N THR A 485 8.09 -19.13 -20.93
CA THR A 485 9.16 -19.66 -21.75
C THR A 485 9.48 -21.08 -21.32
N VAL A 486 9.97 -21.86 -22.28
CA VAL A 486 10.45 -23.21 -21.97
C VAL A 486 11.72 -23.13 -21.14
N LYS A 487 11.70 -23.76 -19.97
CA LYS A 487 12.76 -23.65 -18.97
C LYS A 487 13.70 -24.83 -19.08
N GLY A 488 14.96 -24.62 -18.70
CA GLY A 488 15.92 -25.71 -18.60
C GLY A 488 16.64 -26.04 -19.89
N VAL A 489 16.60 -25.13 -20.86
CA VAL A 489 17.22 -25.38 -22.15
C VAL A 489 18.75 -25.50 -22.01
N ASN A 490 19.29 -24.87 -20.97
CA ASN A 490 20.73 -24.93 -20.67
C ASN A 490 21.00 -25.65 -19.37
N LEU A 491 22.19 -26.22 -19.23
CA LEU A 491 22.58 -26.89 -17.99
C LEU A 491 22.52 -25.92 -16.82
N ASP A 492 22.90 -24.67 -17.06
CA ASP A 492 22.75 -23.63 -16.05
C ASP A 492 21.35 -23.04 -16.21
N HIS A 493 20.47 -23.33 -15.25
CA HIS A 493 19.10 -22.82 -15.29
C HIS A 493 18.81 -21.73 -14.24
N THR A 494 19.86 -21.10 -13.69
CA THR A 494 19.65 -20.05 -12.69
C THR A 494 18.74 -18.91 -13.15
N ASP A 495 18.91 -18.42 -14.37
CA ASP A 495 18.00 -17.39 -14.88
C ASP A 495 16.56 -17.90 -14.89
N ASP A 496 16.38 -19.11 -15.41
CA ASP A 496 15.04 -19.70 -15.51
C ASP A 496 14.40 -19.87 -14.13
N ASP A 497 15.20 -20.24 -13.14
CA ASP A 497 14.69 -20.39 -11.77
C ASP A 497 14.14 -19.07 -11.28
N PHE A 498 14.91 -18.02 -11.52
CA PHE A 498 14.50 -16.63 -11.22
C PHE A 498 13.18 -16.25 -11.92
N TYR A 499 13.07 -16.55 -13.21
CA TYR A 499 11.83 -16.25 -13.94
C TYR A 499 10.64 -16.98 -13.32
N SER A 500 10.86 -18.24 -12.94
CA SER A 500 9.79 -19.03 -12.34
C SER A 500 9.39 -18.49 -10.98
N LYS A 501 10.39 -18.09 -10.20
CA LYS A 501 10.17 -17.54 -8.86
C LYS A 501 9.42 -16.22 -8.91
N PHE A 502 9.77 -15.40 -9.91
CA PHE A 502 9.15 -14.10 -10.12
C PHE A 502 7.71 -14.22 -10.56
N SER A 503 7.39 -15.14 -11.48
CA SER A 503 6.11 -14.95 -12.14
C SER A 503 5.03 -15.77 -11.47
N THR A 504 4.45 -15.18 -10.42
CA THR A 504 3.49 -15.89 -9.61
C THR A 504 2.05 -15.51 -9.98
N GLY A 505 1.89 -14.62 -10.96
CA GLY A 505 0.55 -14.28 -11.43
C GLY A 505 -0.09 -13.20 -10.56
N SER A 506 -1.38 -13.36 -10.29
CA SER A 506 -2.11 -12.31 -9.57
C SER A 506 -1.71 -12.27 -8.10
N VAL A 507 -1.79 -11.07 -7.51
CA VAL A 507 -1.47 -10.88 -6.10
C VAL A 507 -2.81 -10.71 -5.39
N SER A 508 -3.04 -11.48 -4.33
CA SER A 508 -4.40 -11.65 -3.78
C SER A 508 -5.13 -10.38 -3.38
N ILE A 509 -4.51 -9.57 -2.53
CA ILE A 509 -5.23 -8.45 -1.98
C ILE A 509 -5.50 -7.39 -3.07
N PRO A 510 -4.49 -7.03 -3.89
CA PRO A 510 -4.85 -6.08 -4.96
C PRO A 510 -5.87 -6.62 -5.98
N TRP A 511 -5.81 -7.91 -6.31
CA TRP A 511 -6.77 -8.46 -7.25
C TRP A 511 -8.19 -8.35 -6.69
N GLN A 512 -8.33 -8.63 -5.40
CA GLN A 512 -9.64 -8.55 -4.77
C GLN A 512 -10.10 -7.09 -4.71
N ASN A 513 -9.21 -6.16 -4.38
CA ASN A 513 -9.60 -4.73 -4.43
C ASN A 513 -9.98 -4.30 -5.85
N GLU A 514 -9.30 -4.86 -6.85
CA GLU A 514 -9.65 -4.54 -8.24
C GLU A 514 -11.08 -4.98 -8.53
N MET A 515 -11.43 -6.19 -8.10
CA MET A 515 -12.78 -6.71 -8.29
C MET A 515 -13.83 -5.86 -7.58
N ILE A 516 -13.49 -5.40 -6.38
CA ILE A 516 -14.43 -4.56 -5.62
C ILE A 516 -14.57 -3.17 -6.24
N GLU A 517 -13.45 -2.55 -6.55
CA GLU A 517 -13.43 -1.17 -7.05
C GLU A 517 -14.18 -1.02 -8.36
N THR A 518 -14.04 -2.02 -9.22
CA THR A 518 -14.65 -1.99 -10.54
C THR A 518 -16.10 -2.46 -10.53
N GLU A 519 -16.58 -2.83 -9.34
CA GLU A 519 -17.93 -3.36 -9.11
C GLU A 519 -18.18 -4.70 -9.80
N CYS A 520 -17.12 -5.42 -10.13
CA CYS A 520 -17.28 -6.78 -10.59
C CYS A 520 -17.79 -7.62 -9.43
N PHE A 521 -17.28 -7.34 -8.22
CA PHE A 521 -17.73 -8.07 -7.05
C PHE A 521 -19.19 -7.83 -6.79
N LYS A 522 -19.59 -6.56 -6.76
CA LYS A 522 -20.97 -6.22 -6.44
C LYS A 522 -21.94 -6.84 -7.41
N GLU A 523 -21.60 -6.83 -8.70
CA GLU A 523 -22.56 -7.29 -9.71
C GLU A 523 -22.57 -8.80 -9.84
N LEU A 524 -21.40 -9.42 -9.67
CA LEU A 524 -21.24 -10.88 -9.79
C LEU A 524 -21.63 -11.62 -8.52
N ASN A 525 -21.53 -10.95 -7.36
CA ASN A 525 -21.73 -11.66 -6.11
C ASN A 525 -23.20 -11.60 -5.74
N VAL A 526 -23.90 -12.67 -6.08
CA VAL A 526 -25.33 -12.76 -5.92
C VAL A 526 -25.68 -14.19 -5.55
N PHE A 527 -26.75 -14.33 -4.77
CA PHE A 527 -27.19 -15.63 -4.30
C PHE A 527 -28.63 -15.84 -4.76
N GLY A 528 -29.25 -16.94 -4.37
CA GLY A 528 -30.60 -17.25 -4.79
C GLY A 528 -31.62 -16.30 -4.19
N PRO A 529 -32.84 -16.28 -4.75
CA PRO A 529 -33.80 -15.23 -4.36
C PRO A 529 -34.24 -15.24 -2.90
N ASN A 530 -34.76 -16.37 -2.44
CA ASN A 530 -35.26 -16.52 -1.06
C ASN A 530 -34.73 -17.81 -0.45
N GLY A 531 -34.98 -18.94 -1.11
CA GLY A 531 -34.31 -20.20 -0.79
C GLY A 531 -32.80 -20.03 -0.89
N THR A 532 -32.39 -18.99 -1.61
CA THR A 532 -31.04 -18.39 -1.55
C THR A 532 -29.81 -19.21 -1.90
N LEU A 533 -29.93 -20.41 -2.47
CA LEU A 533 -28.76 -21.03 -3.10
C LEU A 533 -28.80 -20.89 -4.63
N PRO A 534 -27.87 -20.10 -5.19
CA PRO A 534 -27.76 -19.99 -6.64
C PRO A 534 -27.24 -21.31 -7.26
N PRO A 535 -27.48 -21.54 -8.56
CA PRO A 535 -27.08 -22.77 -9.24
C PRO A 535 -25.60 -23.11 -9.12
N ASP A 536 -24.72 -22.11 -9.07
CA ASP A 536 -23.29 -22.40 -9.00
C ASP A 536 -22.87 -22.92 -7.63
N LEU A 537 -23.74 -22.73 -6.64
CA LEU A 537 -23.55 -23.30 -5.31
C LEU A 537 -24.40 -24.53 -5.02
N ASN A 538 -25.23 -24.94 -5.99
CA ASN A 538 -26.15 -26.06 -5.75
C ASN A 538 -25.47 -27.38 -6.08
N ARG A 539 -25.22 -28.16 -5.03
CA ARG A 539 -24.42 -29.36 -5.15
C ARG A 539 -25.17 -30.49 -5.85
N ASN A 540 -26.47 -30.33 -5.99
CA ASN A 540 -27.30 -31.37 -6.61
C ASN A 540 -27.28 -31.30 -8.13
N HIS A 541 -26.74 -30.22 -8.68
CA HIS A 541 -26.63 -30.08 -10.12
C HIS A 541 -25.25 -29.61 -10.57
N PRO A 542 -24.27 -30.53 -10.56
CA PRO A 542 -22.93 -30.23 -11.10
C PRO A 542 -22.96 -30.15 -12.63
N PRO A 543 -22.01 -29.40 -13.23
CA PRO A 543 -21.98 -29.22 -14.69
C PRO A 543 -21.54 -30.47 -15.45
#